data_8QVL
#
_entry.id   8QVL
#
_cell.length_a   94.39
_cell.length_b   94.39
_cell.length_c   247.45
_cell.angle_alpha   90
_cell.angle_beta   90
_cell.angle_gamma   120
#
_symmetry.space_group_name_H-M   'P 65 2 2'
#
loop_
_entity.id
_entity.type
_entity.pdbx_description
1 polymer 'Bifunctional epoxide hydrolase 2'
2 non-polymer 2-[(5-BROMO-2-PYRIDYL)-METHYL-AMINO]ETHANOL
3 non-polymer 'DIMETHYL SULFOXIDE'
4 non-polymer 'TRIETHYLENE GLYCOL'
5 water water
#
_entity_poly.entity_id   1
_entity_poly.type   'polypeptide(L)'
_entity_poly.pdbx_seq_one_letter_code
;GMTLRAAVFDLDGVLALPAVFGVLGRTEEALALPRGLLNDAFQKGGPEGATTRLMKGEITLSQWIPLMEENCRKCSETAK
VCLPKNFSIKEIFDKAISARKINRPMLQAALMLRKKGFTTAILTNTWLDDRAERDGLAQLMCELKMHFDFLIESCQVGMV
KPEPQIYKFLLDTLKASPSEVVFLDDIGANLKPARDLGMVTILVQDTDTALKELEKVTGIQLLNTPAPLPTSCNPSDMSH
GYVTVKPRVRLHFVELGSGPAVCLCHGFPESWYSWRYQIPALAQAGYRVLAMDMKGYGESSAPPEIEEYCMEVLCKEMVT
FLDKLGLSQAVFIGHDWGGMLVWYMALFYPERVRAVASLNTPFIPANPNMSPLESIKANPVFDYQLYFQEPGVAEAELEQ
NLSRTFKSLFRASDESVLSMHKVCEAGGLFVNSPEEPSLSRMVTEEEIQFYVQQFKKSGFRGPLNWYRNMERNWKWACKS
LGRKILIPALMVTAEKDFVLVPQMSQHMEDWIPHLKRGHIEDCGHWTQMDKPTEVNQILIKWLDSDARN
;
_entity_poly.pdbx_strand_id   A
#
loop_
_chem_comp.id
_chem_comp.type
_chem_comp.name
_chem_comp.formula
4VY non-polymer 2-[(5-BROMO-2-PYRIDYL)-METHYL-AMINO]ETHANOL 'C8 H11 Br N2 O'
DMS non-polymer 'DIMETHYL SULFOXIDE' 'C2 H6 O S'
PGE non-polymer 'TRIETHYLENE GLYCOL' 'C6 H14 O4'
#
# COMPACT_ATOMS: atom_id res chain seq x y z
N THR A 3 16.34 -3.58 28.14
CA THR A 3 16.75 -2.26 28.59
C THR A 3 16.69 -1.24 27.43
N LEU A 4 17.19 -1.60 26.23
CA LEU A 4 17.09 -0.69 25.07
C LEU A 4 15.63 -0.60 24.65
N ARG A 5 15.15 0.60 24.34
CA ARG A 5 13.75 0.76 23.90
C ARG A 5 13.59 1.73 22.72
N ALA A 6 14.67 2.41 22.29
CA ALA A 6 14.57 3.32 21.15
C ALA A 6 15.74 3.17 20.21
N ALA A 7 15.50 3.33 18.91
CA ALA A 7 16.54 3.25 17.88
C ALA A 7 16.42 4.46 16.96
N VAL A 8 17.53 5.16 16.78
CA VAL A 8 17.60 6.37 15.97
C VAL A 8 18.49 6.09 14.78
N PHE A 9 18.02 6.43 13.59
CA PHE A 9 18.78 6.22 12.36
C PHE A 9 19.02 7.52 11.65
N ASP A 10 20.14 7.61 10.95
CA ASP A 10 20.42 8.77 10.10
C ASP A 10 19.77 8.41 8.73
N LEU A 11 19.47 9.42 7.90
CA LEU A 11 18.89 9.16 6.59
C LEU A 11 20.04 8.87 5.59
N ASP A 12 20.85 9.87 5.28
CA ASP A 12 21.96 9.76 4.34
C ASP A 12 23.06 8.78 4.78
N GLY A 13 23.34 7.78 3.96
CA GLY A 13 24.35 6.77 4.26
C GLY A 13 23.89 5.66 5.17
N VAL A 14 22.68 5.75 5.72
CA VAL A 14 22.15 4.72 6.63
C VAL A 14 20.81 4.17 6.10
N LEU A 15 19.76 5.02 6.02
CA LEU A 15 18.47 4.58 5.49
C LEU A 15 18.37 4.75 3.97
N ALA A 16 19.22 5.60 3.39
CA ALA A 16 19.25 5.87 1.96
C ALA A 16 20.69 5.77 1.48
N LEU A 17 20.89 5.06 0.36
CA LEU A 17 22.20 4.82 -0.24
C LEU A 17 22.15 5.06 -1.75
N PRO A 18 23.23 5.55 -2.36
CA PRO A 18 24.50 5.93 -1.74
C PRO A 18 24.43 7.28 -1.05
N ALA A 19 25.28 7.50 -0.04
CA ALA A 19 25.34 8.77 0.66
C ALA A 19 25.68 9.90 -0.31
N VAL A 20 24.88 10.97 -0.34
CA VAL A 20 25.13 12.15 -1.18
C VAL A 20 26.53 12.74 -0.88
N PHE A 21 26.97 12.64 0.37
CA PHE A 21 28.30 13.08 0.82
C PHE A 21 29.44 12.24 0.20
N GLY A 22 29.13 11.04 -0.30
CA GLY A 22 30.05 10.12 -0.95
C GLY A 22 30.19 10.37 -2.44
N VAL A 23 29.27 11.14 -3.04
CA VAL A 23 29.36 11.49 -4.47
C VAL A 23 30.48 12.51 -4.73
N LEU A 24 30.87 13.29 -3.71
CA LEU A 24 31.94 14.27 -3.84
C LEU A 24 33.28 13.56 -4.14
N GLY A 25 33.52 12.43 -3.46
CA GLY A 25 34.72 11.63 -3.66
C GLY A 25 34.78 10.99 -5.04
N ARG A 26 33.65 10.46 -5.50
CA ARG A 26 33.58 9.86 -6.84
C ARG A 26 33.63 10.90 -7.96
N THR A 27 33.15 12.11 -7.70
CA THR A 27 33.22 13.20 -8.69
C THR A 27 34.70 13.64 -8.86
N GLU A 28 35.45 13.69 -7.76
CA GLU A 28 36.85 14.04 -7.80
C GLU A 28 37.65 13.02 -8.63
N GLU A 29 37.40 11.71 -8.41
CA GLU A 29 38.09 10.64 -9.13
C GLU A 29 37.76 10.68 -10.60
N ALA A 30 36.48 10.90 -10.96
CA ALA A 30 36.05 10.94 -12.35
C ALA A 30 36.58 12.17 -13.08
N LEU A 31 36.58 13.32 -12.42
CA LEU A 31 37.04 14.55 -13.04
C LEU A 31 38.54 14.82 -12.87
N ALA A 32 39.30 13.86 -12.30
CA ALA A 32 40.74 13.97 -12.04
C ALA A 32 41.11 15.21 -11.20
N LEU A 33 40.24 15.57 -10.25
CA LEU A 33 40.50 16.68 -9.36
C LEU A 33 41.34 16.19 -8.17
N PRO A 34 42.10 17.09 -7.52
CA PRO A 34 42.87 16.67 -6.33
C PRO A 34 42.00 16.03 -5.27
N ARG A 35 42.52 15.01 -4.58
CA ARG A 35 41.76 14.30 -3.56
C ARG A 35 41.33 15.22 -2.43
N GLY A 36 40.06 15.12 -2.07
CA GLY A 36 39.42 15.90 -1.02
C GLY A 36 39.05 17.32 -1.37
N LEU A 37 39.29 17.79 -2.61
CA LEU A 37 38.97 19.17 -3.02
C LEU A 37 37.48 19.58 -2.78
N LEU A 38 36.55 18.73 -3.28
CA LEU A 38 35.12 18.95 -3.15
C LEU A 38 34.62 18.78 -1.72
N ASN A 39 35.25 17.88 -0.96
CA ASN A 39 34.87 17.71 0.44
C ASN A 39 35.31 18.94 1.27
N ASP A 40 36.44 19.58 0.91
CA ASP A 40 36.90 20.78 1.62
C ASP A 40 36.03 21.97 1.28
N ALA A 41 35.62 22.10 0.01
CA ALA A 41 34.72 23.19 -0.39
C ALA A 41 33.36 23.03 0.33
N PHE A 42 32.90 21.79 0.51
CA PHE A 42 31.65 21.48 1.18
C PHE A 42 31.69 21.91 2.64
N GLN A 43 32.80 21.64 3.35
CA GLN A 43 32.90 22.01 4.77
C GLN A 43 33.53 23.38 5.02
N LYS A 44 33.83 24.14 3.97
CA LYS A 44 34.48 25.45 4.07
C LYS A 44 33.79 26.47 4.97
N GLY A 45 34.42 26.79 6.10
CA GLY A 45 33.92 27.79 7.03
C GLY A 45 33.49 27.25 8.37
N GLY A 46 33.32 25.93 8.48
CA GLY A 46 32.87 25.30 9.71
C GLY A 46 31.48 25.73 10.10
N PRO A 47 31.27 26.03 11.41
CA PRO A 47 29.94 26.47 11.88
C PRO A 47 29.43 27.77 11.26
N GLU A 48 30.32 28.61 10.78
CA GLU A 48 29.92 29.86 10.12
C GLU A 48 29.84 29.76 8.58
N GLY A 49 30.13 28.57 8.04
CA GLY A 49 30.13 28.32 6.61
C GLY A 49 28.77 28.10 6.00
N ALA A 50 28.71 28.25 4.67
CA ALA A 50 27.51 28.10 3.87
C ALA A 50 26.72 26.82 4.11
N THR A 51 27.44 25.70 4.33
CA THR A 51 26.81 24.41 4.51
C THR A 51 26.12 24.30 5.85
N THR A 52 26.69 24.91 6.90
CA THR A 52 26.04 24.89 8.21
C THR A 52 24.78 25.76 8.19
N ARG A 53 24.81 26.87 7.45
CA ARG A 53 23.65 27.73 7.30
C ARG A 53 22.54 26.97 6.55
N LEU A 54 22.91 26.20 5.53
CA LEU A 54 21.99 25.36 4.78
C LEU A 54 21.34 24.30 5.69
N MET A 55 22.14 23.57 6.48
CA MET A 55 21.63 22.53 7.37
C MET A 55 20.79 23.07 8.51
N LYS A 56 21.02 24.31 8.93
CA LYS A 56 20.22 24.92 9.98
C LYS A 56 18.90 25.52 9.46
N GLY A 57 18.73 25.61 8.15
CA GLY A 57 17.53 26.15 7.55
C GLY A 57 17.62 27.65 7.29
N GLU A 58 18.79 28.28 7.48
CA GLU A 58 18.91 29.73 7.26
C GLU A 58 18.70 30.11 5.82
N ILE A 59 19.21 29.29 4.91
CA ILE A 59 19.08 29.46 3.47
C ILE A 59 18.57 28.14 2.88
N THR A 60 18.05 28.21 1.66
CA THR A 60 17.54 27.05 0.92
C THR A 60 18.67 26.44 0.04
N LEU A 61 18.44 25.25 -0.53
CA LEU A 61 19.40 24.58 -1.40
C LEU A 61 19.80 25.43 -2.62
N SER A 62 18.82 26.10 -3.25
CA SER A 62 19.09 26.95 -4.41
C SER A 62 19.91 28.18 -4.07
N GLN A 63 19.79 28.69 -2.83
CA GLN A 63 20.63 29.82 -2.41
C GLN A 63 22.07 29.34 -2.10
N TRP A 64 22.20 28.09 -1.62
CA TRP A 64 23.48 27.53 -1.23
C TRP A 64 24.33 27.13 -2.42
N ILE A 65 23.72 26.70 -3.53
CA ILE A 65 24.45 26.26 -4.72
C ILE A 65 25.51 27.28 -5.19
N PRO A 66 25.20 28.58 -5.45
CA PRO A 66 26.25 29.51 -5.86
C PRO A 66 27.30 29.76 -4.76
N LEU A 67 26.97 29.56 -3.45
CA LEU A 67 27.97 29.72 -2.39
C LEU A 67 28.97 28.55 -2.38
N MET A 68 28.49 27.33 -2.73
CA MET A 68 29.33 26.14 -2.82
C MET A 68 30.26 26.26 -4.05
N GLU A 69 29.79 26.89 -5.14
CA GLU A 69 30.60 27.13 -6.32
C GLU A 69 31.77 28.09 -5.99
N GLU A 70 31.54 29.18 -5.21
CA GLU A 70 32.64 30.08 -4.78
C GLU A 70 33.66 29.27 -3.98
N ASN A 71 33.18 28.45 -3.03
CA ASN A 71 34.04 27.60 -2.21
C ASN A 71 34.88 26.63 -3.05
N CYS A 72 34.32 26.09 -4.14
CA CYS A 72 35.03 25.20 -5.06
C CYS A 72 36.15 25.92 -5.79
N ARG A 73 35.95 27.20 -6.12
CA ARG A 73 36.96 28.00 -6.80
C ARG A 73 38.05 28.46 -5.83
N LYS A 74 37.69 28.83 -4.59
CA LYS A 74 38.66 29.24 -3.58
C LYS A 74 39.59 28.09 -3.20
N CYS A 75 39.04 26.87 -3.11
CA CYS A 75 39.83 25.68 -2.79
C CYS A 75 40.79 25.30 -3.95
N SER A 76 40.34 25.54 -5.20
N SER A 76 40.35 25.53 -5.19
CA SER A 76 41.14 25.22 -6.38
CA SER A 76 41.15 25.23 -6.38
C SER A 76 42.33 26.18 -6.55
C SER A 76 42.32 26.18 -6.56
N GLU A 77 42.17 27.44 -6.11
CA GLU A 77 43.23 28.45 -6.19
C GLU A 77 44.41 28.06 -5.29
N THR A 78 44.12 27.61 -4.05
CA THR A 78 45.16 27.19 -3.10
C THR A 78 45.84 25.90 -3.57
N ALA A 79 45.05 24.96 -4.12
CA ALA A 79 45.59 23.69 -4.63
C ALA A 79 46.37 23.84 -5.95
N LYS A 80 46.37 25.06 -6.55
CA LYS A 80 47.04 25.40 -7.80
C LYS A 80 46.50 24.53 -8.94
N VAL A 81 45.17 24.32 -8.96
CA VAL A 81 44.52 23.50 -9.99
C VAL A 81 43.32 24.22 -10.63
N CYS A 82 42.85 23.73 -11.79
CA CYS A 82 41.71 24.33 -12.46
C CYS A 82 40.54 23.36 -12.55
N LEU A 83 39.33 23.88 -12.37
CA LEU A 83 38.11 23.07 -12.46
C LEU A 83 37.72 22.99 -13.94
N PRO A 84 37.16 21.84 -14.39
CA PRO A 84 36.76 21.72 -15.80
C PRO A 84 35.81 22.81 -16.31
N LYS A 85 35.66 22.91 -17.64
CA LYS A 85 34.81 23.92 -18.27
C LYS A 85 33.33 23.69 -17.96
N ASN A 86 32.87 22.43 -18.04
CA ASN A 86 31.48 22.11 -17.74
C ASN A 86 31.29 21.69 -16.27
N PHE A 87 31.91 22.42 -15.32
CA PHE A 87 31.78 22.10 -13.90
C PHE A 87 30.51 22.73 -13.35
N SER A 88 29.59 21.91 -12.82
CA SER A 88 28.33 22.42 -12.27
C SER A 88 27.92 21.71 -10.99
N ILE A 89 27.87 22.45 -9.87
CA ILE A 89 27.44 21.91 -8.57
C ILE A 89 26.00 21.42 -8.65
N LYS A 90 25.13 22.15 -9.38
CA LYS A 90 23.74 21.81 -9.59
C LYS A 90 23.62 20.43 -10.22
N GLU A 91 24.35 20.17 -11.33
CA GLU A 91 24.33 18.88 -11.99
C GLU A 91 24.80 17.76 -11.07
N ILE A 92 25.87 18.01 -10.31
CA ILE A 92 26.45 17.01 -9.41
C ILE A 92 25.47 16.63 -8.29
N PHE A 93 24.83 17.65 -7.69
CA PHE A 93 23.88 17.40 -6.61
C PHE A 93 22.57 16.80 -7.11
N ASP A 94 22.07 17.23 -8.30
CA ASP A 94 20.85 16.66 -8.88
C ASP A 94 21.02 15.14 -9.11
N LYS A 95 22.17 14.73 -9.68
CA LYS A 95 22.46 13.33 -9.95
C LYS A 95 22.65 12.54 -8.66
N ALA A 96 23.30 13.14 -7.66
CA ALA A 96 23.52 12.47 -6.38
C ALA A 96 22.19 12.23 -5.63
N ILE A 97 21.32 13.26 -5.55
CA ILE A 97 20.04 13.15 -4.87
C ILE A 97 19.14 12.15 -5.60
N SER A 98 19.16 12.17 -6.94
CA SER A 98 18.36 11.28 -7.76
C SER A 98 18.76 9.80 -7.57
N ALA A 99 20.05 9.51 -7.43
CA ALA A 99 20.57 8.14 -7.29
C ALA A 99 20.28 7.49 -5.95
N ARG A 100 20.08 8.30 -4.93
CA ARG A 100 19.85 7.81 -3.57
C ARG A 100 18.52 7.07 -3.44
N LYS A 101 18.56 5.79 -3.08
CA LYS A 101 17.40 4.92 -2.91
C LYS A 101 17.35 4.38 -1.48
N ILE A 102 16.18 3.94 -1.02
CA ILE A 102 16.03 3.36 0.30
C ILE A 102 16.87 2.08 0.43
N ASN A 103 17.56 1.95 1.56
CA ASN A 103 18.38 0.80 1.92
C ASN A 103 17.38 -0.18 2.54
N ARG A 104 16.74 -1.02 1.70
CA ARG A 104 15.70 -1.96 2.14
C ARG A 104 16.08 -2.80 3.37
N PRO A 105 17.27 -3.46 3.48
CA PRO A 105 17.55 -4.21 4.71
C PRO A 105 17.55 -3.37 6.00
N MET A 106 17.98 -2.10 5.91
CA MET A 106 18.01 -1.19 7.05
C MET A 106 16.58 -0.79 7.43
N LEU A 107 15.73 -0.43 6.43
CA LEU A 107 14.32 -0.12 6.69
C LEU A 107 13.60 -1.32 7.29
N GLN A 108 13.93 -2.52 6.82
CA GLN A 108 13.29 -3.75 7.33
C GLN A 108 13.66 -3.99 8.78
N ALA A 109 14.92 -3.72 9.16
CA ALA A 109 15.37 -3.85 10.53
C ALA A 109 14.67 -2.81 11.42
N ALA A 110 14.46 -1.58 10.91
CA ALA A 110 13.75 -0.54 11.66
C ALA A 110 12.30 -0.96 11.89
N LEU A 111 11.64 -1.51 10.85
CA LEU A 111 10.27 -1.99 10.93
C LEU A 111 10.12 -3.16 11.89
N MET A 112 11.12 -4.06 11.93
CA MET A 112 11.11 -5.19 12.83
C MET A 112 11.24 -4.70 14.29
N LEU A 113 12.18 -3.76 14.53
CA LEU A 113 12.37 -3.21 15.88
C LEU A 113 11.10 -2.50 16.35
N ARG A 114 10.41 -1.80 15.46
CA ARG A 114 9.18 -1.09 15.81
C ARG A 114 8.04 -2.08 16.15
N LYS A 115 7.99 -3.21 15.45
CA LYS A 115 7.02 -4.27 15.70
C LYS A 115 7.27 -4.89 17.09
N LYS A 116 8.53 -4.96 17.54
CA LYS A 116 8.90 -5.49 18.85
C LYS A 116 8.85 -4.44 19.98
N GLY A 117 8.16 -3.33 19.78
CA GLY A 117 7.98 -2.33 20.82
C GLY A 117 8.91 -1.14 20.86
N PHE A 118 9.95 -1.09 20.00
CA PHE A 118 10.89 0.01 20.00
C PHE A 118 10.27 1.29 19.45
N THR A 119 10.75 2.42 19.94
CA THR A 119 10.38 3.72 19.41
C THR A 119 11.47 4.02 18.37
N THR A 120 11.06 4.31 17.12
CA THR A 120 12.05 4.57 16.07
C THR A 120 12.00 6.00 15.60
N ALA A 121 13.15 6.53 15.20
CA ALA A 121 13.24 7.90 14.75
C ALA A 121 14.33 8.10 13.71
N ILE A 122 14.16 9.11 12.88
CA ILE A 122 15.18 9.52 11.96
C ILE A 122 15.66 10.88 12.49
N LEU A 123 16.98 11.03 12.68
CA LEU A 123 17.60 12.29 13.08
C LEU A 123 18.61 12.59 11.97
N THR A 124 18.33 13.61 11.17
CA THR A 124 19.15 13.89 10.01
C THR A 124 19.50 15.35 9.80
N ASN A 125 20.67 15.56 9.18
CA ASN A 125 21.13 16.86 8.75
C ASN A 125 20.65 16.95 7.32
N THR A 126 19.68 17.80 7.07
CA THR A 126 19.11 17.94 5.75
C THR A 126 18.80 19.42 5.45
N TRP A 127 18.33 19.72 4.25
CA TRP A 127 18.13 21.08 3.77
C TRP A 127 16.70 21.34 3.26
N LEU A 128 16.36 22.62 3.05
CA LEU A 128 15.09 23.02 2.45
C LEU A 128 15.31 22.94 0.96
N ASP A 129 14.72 21.95 0.33
CA ASP A 129 14.91 21.71 -1.10
C ASP A 129 13.88 22.46 -1.92
N ASP A 130 14.35 23.45 -2.68
CA ASP A 130 13.51 24.24 -3.56
C ASP A 130 13.93 24.11 -5.03
N ARG A 131 14.68 23.06 -5.40
CA ARG A 131 15.06 22.82 -6.79
C ARG A 131 13.82 22.43 -7.58
N ALA A 132 13.84 22.54 -8.91
CA ALA A 132 12.72 22.10 -9.74
C ALA A 132 12.46 20.59 -9.60
N GLU A 133 13.48 19.83 -9.18
CA GLU A 133 13.41 18.38 -9.03
C GLU A 133 13.11 17.95 -7.58
N ARG A 134 12.69 18.88 -6.70
CA ARG A 134 12.43 18.62 -5.28
C ARG A 134 11.37 17.53 -4.99
N ASP A 135 10.47 17.25 -5.94
CA ASP A 135 9.45 16.22 -5.78
C ASP A 135 10.03 14.85 -5.53
N GLY A 136 11.17 14.57 -6.12
CA GLY A 136 11.85 13.28 -5.95
C GLY A 136 12.23 13.07 -4.50
N LEU A 137 12.73 14.12 -3.85
CA LEU A 137 13.08 14.04 -2.45
C LEU A 137 11.82 13.92 -1.57
N ALA A 138 10.77 14.72 -1.90
CA ALA A 138 9.49 14.72 -1.19
C ALA A 138 8.90 13.32 -1.16
N GLN A 139 8.92 12.60 -2.32
CA GLN A 139 8.40 11.23 -2.44
C GLN A 139 9.18 10.27 -1.53
N LEU A 140 10.52 10.40 -1.49
CA LEU A 140 11.38 9.59 -0.64
C LEU A 140 11.03 9.80 0.83
N MET A 141 10.90 11.06 1.26
CA MET A 141 10.60 11.35 2.66
C MET A 141 9.24 10.84 3.06
N CYS A 142 8.26 10.88 2.14
CA CYS A 142 6.92 10.36 2.40
C CYS A 142 6.92 8.86 2.59
N GLU A 143 7.69 8.13 1.77
CA GLU A 143 7.71 6.68 1.93
C GLU A 143 8.34 6.29 3.25
N LEU A 144 9.41 6.99 3.65
CA LEU A 144 10.11 6.71 4.90
C LEU A 144 9.37 7.12 6.15
N LYS A 145 8.80 8.34 6.19
CA LYS A 145 8.22 8.89 7.40
C LYS A 145 7.06 8.08 7.95
N MET A 146 6.28 7.41 7.10
CA MET A 146 5.17 6.59 7.57
C MET A 146 5.60 5.38 8.42
N HIS A 147 6.89 4.98 8.34
CA HIS A 147 7.40 3.85 9.11
C HIS A 147 8.11 4.23 10.42
N PHE A 148 8.23 5.54 10.71
CA PHE A 148 8.92 5.99 11.91
C PHE A 148 8.03 6.78 12.84
N ASP A 149 8.29 6.70 14.14
CA ASP A 149 7.51 7.48 15.12
C ASP A 149 7.87 8.96 15.02
N PHE A 150 9.16 9.28 14.85
CA PHE A 150 9.60 10.66 14.77
C PHE A 150 10.58 10.89 13.64
N LEU A 151 10.50 12.07 13.03
CA LEU A 151 11.43 12.51 12.00
C LEU A 151 11.87 13.88 12.47
N ILE A 152 13.16 14.02 12.76
CA ILE A 152 13.74 15.27 13.22
C ILE A 152 14.75 15.69 12.18
N GLU A 153 14.50 16.83 11.53
CA GLU A 153 15.33 17.35 10.48
C GLU A 153 16.00 18.61 10.94
N SER A 154 17.32 18.70 10.75
CA SER A 154 18.11 19.86 11.17
C SER A 154 17.54 21.21 10.71
N CYS A 155 17.20 21.34 9.42
CA CYS A 155 16.68 22.57 8.82
C CYS A 155 15.34 23.01 9.42
N GLN A 156 14.61 22.11 10.11
CA GLN A 156 13.36 22.47 10.74
C GLN A 156 13.55 22.83 12.22
N VAL A 157 14.55 22.25 12.90
CA VAL A 157 14.78 22.57 14.31
C VAL A 157 15.87 23.62 14.53
N GLY A 158 16.58 24.05 13.49
CA GLY A 158 17.62 25.07 13.62
C GLY A 158 18.91 24.63 14.28
N MET A 159 19.09 23.31 14.45
CA MET A 159 20.28 22.71 15.07
C MET A 159 20.88 21.66 14.12
N VAL A 160 22.18 21.34 14.25
CA VAL A 160 22.80 20.32 13.39
C VAL A 160 23.63 19.35 14.23
N LYS A 161 23.84 18.14 13.71
CA LYS A 161 24.79 17.20 14.29
C LYS A 161 26.17 17.68 13.77
N PRO A 162 27.23 17.71 14.61
CA PRO A 162 27.32 17.16 15.96
C PRO A 162 27.07 18.09 17.16
N GLU A 163 26.36 19.23 17.03
CA GLU A 163 26.11 20.11 18.20
C GLU A 163 25.40 19.35 19.29
N PRO A 164 25.85 19.44 20.56
CA PRO A 164 25.25 18.60 21.61
C PRO A 164 23.78 18.84 21.91
N GLN A 165 23.29 20.05 21.57
N GLN A 165 23.29 20.05 21.58
CA GLN A 165 21.90 20.46 21.79
CA GLN A 165 21.89 20.40 21.84
C GLN A 165 20.91 19.62 20.97
C GLN A 165 20.90 19.62 20.98
N ILE A 166 21.32 19.14 19.78
CA ILE A 166 20.43 18.35 18.95
C ILE A 166 20.18 16.96 19.61
N TYR A 167 21.19 16.40 20.31
CA TYR A 167 21.04 15.12 21.02
C TYR A 167 20.17 15.28 22.25
N LYS A 168 20.27 16.44 22.94
CA LYS A 168 19.43 16.77 24.08
C LYS A 168 17.99 16.91 23.60
N PHE A 169 17.78 17.60 22.47
CA PHE A 169 16.44 17.74 21.88
C PHE A 169 15.86 16.37 21.50
N LEU A 170 16.70 15.48 20.95
CA LEU A 170 16.29 14.12 20.58
C LEU A 170 15.83 13.34 21.81
N LEU A 171 16.61 13.34 22.89
CA LEU A 171 16.26 12.64 24.12
C LEU A 171 14.96 13.13 24.72
N ASP A 172 14.72 14.45 24.63
CA ASP A 172 13.48 15.05 25.13
C ASP A 172 12.29 14.61 24.32
N THR A 173 12.45 14.52 22.99
CA THR A 173 11.38 14.09 22.09
C THR A 173 11.05 12.62 22.33
N LEU A 174 12.08 11.79 22.53
CA LEU A 174 11.89 10.36 22.74
C LEU A 174 11.36 10.00 24.11
N LYS A 175 11.49 10.91 25.09
CA LYS A 175 11.09 10.66 26.49
C LYS A 175 11.87 9.46 27.02
N ALA A 176 13.18 9.40 26.72
CA ALA A 176 14.04 8.29 27.11
C ALA A 176 15.39 8.77 27.59
N SER A 177 16.04 7.98 28.45
CA SER A 177 17.38 8.30 28.93
C SER A 177 18.42 7.75 27.95
N PRO A 178 19.64 8.32 27.89
CA PRO A 178 20.62 7.88 26.88
C PRO A 178 20.93 6.39 26.79
N SER A 179 21.03 5.66 27.90
CA SER A 179 21.37 4.22 27.85
C SER A 179 20.24 3.34 27.25
N GLU A 180 19.02 3.90 27.09
CA GLU A 180 17.91 3.20 26.45
C GLU A 180 17.89 3.43 24.90
N VAL A 181 18.87 4.16 24.35
CA VAL A 181 18.86 4.51 22.93
C VAL A 181 20.04 3.96 22.15
N VAL A 182 19.74 3.35 20.97
CA VAL A 182 20.73 2.90 19.99
C VAL A 182 20.73 3.99 18.93
N PHE A 183 21.91 4.41 18.50
CA PHE A 183 22.05 5.49 17.54
C PHE A 183 22.91 5.01 16.38
N LEU A 184 22.38 5.06 15.16
CA LEU A 184 23.12 4.61 13.98
C LEU A 184 23.45 5.76 13.07
N ASP A 185 24.73 5.88 12.72
CA ASP A 185 25.20 6.93 11.85
C ASP A 185 26.43 6.44 11.09
N ASP A 186 26.61 6.94 9.88
CA ASP A 186 27.77 6.59 9.08
C ASP A 186 28.95 7.58 9.29
N ILE A 187 28.74 8.68 10.03
CA ILE A 187 29.78 9.68 10.24
C ILE A 187 30.22 9.65 11.68
N GLY A 188 31.48 9.25 11.89
CA GLY A 188 32.07 9.06 13.21
C GLY A 188 31.91 10.23 14.13
N ALA A 189 32.20 11.44 13.63
CA ALA A 189 32.06 12.68 14.38
C ALA A 189 30.65 12.84 14.98
N ASN A 190 29.61 12.38 14.28
CA ASN A 190 28.22 12.47 14.75
C ASN A 190 27.88 11.49 15.86
N LEU A 191 28.66 10.42 16.02
CA LEU A 191 28.45 9.44 17.10
C LEU A 191 29.05 9.93 18.40
N LYS A 192 30.19 10.63 18.34
CA LYS A 192 30.91 11.12 19.51
C LYS A 192 30.01 11.79 20.58
N PRO A 193 29.11 12.74 20.23
CA PRO A 193 28.26 13.34 21.28
C PRO A 193 27.25 12.38 21.85
N ALA A 194 26.71 11.47 21.01
CA ALA A 194 25.73 10.47 21.46
C ALA A 194 26.37 9.54 22.50
N ARG A 195 27.62 9.13 22.25
CA ARG A 195 28.39 8.26 23.14
C ARG A 195 28.76 8.95 24.46
N ASP A 196 29.12 10.27 24.44
CA ASP A 196 29.40 11.05 25.67
C ASP A 196 28.18 11.07 26.60
N LEU A 197 26.97 11.07 26.04
CA LEU A 197 25.73 11.03 26.83
C LEU A 197 25.44 9.63 27.41
N GLY A 198 26.01 8.59 26.81
CA GLY A 198 25.80 7.22 27.26
C GLY A 198 24.98 6.36 26.34
N MET A 199 24.72 6.84 25.11
N MET A 199 24.74 6.82 25.10
CA MET A 199 23.93 6.07 24.15
CA MET A 199 23.96 6.09 24.11
C MET A 199 24.77 4.99 23.48
C MET A 199 24.79 4.96 23.50
N VAL A 200 24.11 3.90 23.06
CA VAL A 200 24.78 2.82 22.34
C VAL A 200 24.92 3.37 20.92
N THR A 201 26.12 3.36 20.36
CA THR A 201 26.34 3.87 19.02
C THR A 201 26.85 2.78 18.09
N ILE A 202 26.43 2.82 16.83
CA ILE A 202 26.87 1.88 15.82
C ILE A 202 27.37 2.68 14.63
N LEU A 203 28.64 2.50 14.24
CA LEU A 203 29.20 3.20 13.08
C LEU A 203 28.85 2.38 11.86
N VAL A 204 28.04 2.94 10.96
CA VAL A 204 27.61 2.22 9.78
C VAL A 204 28.57 2.40 8.59
N GLN A 205 29.40 1.38 8.31
CA GLN A 205 30.28 1.41 7.14
C GLN A 205 29.53 0.59 6.08
N ASP A 206 29.34 -0.72 6.33
CA ASP A 206 28.51 -1.54 5.45
C ASP A 206 27.26 -1.95 6.26
N THR A 207 26.17 -2.16 5.55
CA THR A 207 24.88 -2.48 6.15
C THR A 207 24.89 -3.78 6.95
N ASP A 208 25.42 -4.86 6.38
CA ASP A 208 25.42 -6.16 7.04
C ASP A 208 26.13 -6.15 8.40
N THR A 209 27.34 -5.57 8.49
CA THR A 209 28.06 -5.50 9.78
C THR A 209 27.29 -4.64 10.78
N ALA A 210 26.70 -3.52 10.32
CA ALA A 210 25.91 -2.65 11.21
C ALA A 210 24.70 -3.42 11.76
N LEU A 211 24.05 -4.21 10.90
CA LEU A 211 22.91 -5.03 11.31
C LEU A 211 23.29 -6.12 12.27
N LYS A 212 24.49 -6.72 12.11
CA LYS A 212 24.98 -7.75 13.03
C LYS A 212 25.23 -7.16 14.39
N GLU A 213 25.80 -5.94 14.44
CA GLU A 213 26.04 -5.22 15.68
C GLU A 213 24.69 -4.90 16.34
N LEU A 214 23.72 -4.42 15.54
CA LEU A 214 22.39 -4.10 16.02
C LEU A 214 21.68 -5.33 16.60
N GLU A 215 21.83 -6.50 15.96
CA GLU A 215 21.25 -7.75 16.48
C GLU A 215 21.86 -8.09 17.84
N LYS A 216 23.20 -8.04 17.95
CA LYS A 216 23.87 -8.37 19.20
C LYS A 216 23.48 -7.48 20.35
N VAL A 217 23.25 -6.19 20.07
CA VAL A 217 22.92 -5.26 21.14
C VAL A 217 21.41 -5.28 21.52
N THR A 218 20.52 -5.64 20.59
CA THR A 218 19.07 -5.67 20.90
C THR A 218 18.54 -7.07 21.26
N GLY A 219 19.28 -8.12 20.92
CA GLY A 219 18.86 -9.49 21.13
C GLY A 219 17.73 -9.93 20.20
N ILE A 220 17.46 -9.13 19.15
CA ILE A 220 16.41 -9.41 18.18
C ILE A 220 17.05 -9.78 16.84
N GLN A 221 16.53 -10.81 16.19
CA GLN A 221 17.07 -11.22 14.90
C GLN A 221 16.55 -10.30 13.80
N LEU A 222 17.46 -9.72 13.03
CA LEU A 222 17.13 -8.78 11.97
C LEU A 222 17.61 -9.25 10.61
N LEU A 223 18.77 -9.90 10.58
CA LEU A 223 19.38 -10.42 9.38
C LEU A 223 18.94 -11.88 9.21
N ASN A 224 18.66 -12.28 7.96
CA ASN A 224 18.24 -13.65 7.59
C ASN A 224 16.79 -13.99 7.96
N THR A 225 16.02 -13.01 8.40
CA THR A 225 14.60 -13.17 8.79
C THR A 225 13.69 -13.34 7.58
N PRO A 226 12.48 -13.92 7.76
CA PRO A 226 11.56 -14.06 6.61
C PRO A 226 11.12 -12.71 6.00
N ALA A 227 10.64 -12.75 4.76
CA ALA A 227 10.14 -11.56 4.06
C ALA A 227 8.87 -11.08 4.76
N PRO A 228 8.82 -9.81 5.16
CA PRO A 228 7.63 -9.32 5.88
C PRO A 228 6.42 -9.14 4.95
N LEU A 229 5.23 -9.06 5.54
CA LEU A 229 4.02 -8.82 4.76
C LEU A 229 4.05 -7.39 4.24
N PRO A 230 3.34 -7.08 3.14
CA PRO A 230 3.26 -5.67 2.70
C PRO A 230 2.66 -4.77 3.79
N THR A 231 2.93 -3.46 3.70
CA THR A 231 2.36 -2.47 4.62
C THR A 231 0.81 -2.51 4.54
N SER A 232 0.14 -2.50 5.66
CA SER A 232 -1.31 -2.51 5.77
C SER A 232 -1.83 -1.07 6.13
N CYS A 233 -3.16 -0.83 6.10
CA CYS A 233 -3.82 0.45 6.42
C CYS A 233 -4.24 0.51 7.81
N ASN A 234 -4.14 1.67 8.42
CA ASN A 234 -4.78 1.88 9.71
C ASN A 234 -6.04 2.69 9.33
N PRO A 235 -7.24 2.13 9.51
CA PRO A 235 -8.47 2.86 9.15
C PRO A 235 -8.57 4.32 9.65
N SER A 236 -8.07 4.61 10.86
CA SER A 236 -8.16 5.97 11.39
C SER A 236 -7.13 6.95 10.78
N ASP A 237 -6.18 6.47 9.97
CA ASP A 237 -5.24 7.33 9.28
C ASP A 237 -5.62 7.62 7.80
N MET A 238 -6.72 7.03 7.31
CA MET A 238 -7.13 7.21 5.93
C MET A 238 -8.01 8.44 5.74
N SER A 239 -8.00 8.97 4.52
CA SER A 239 -8.92 10.02 4.16
C SER A 239 -10.22 9.30 3.82
N HIS A 240 -11.34 9.71 4.41
CA HIS A 240 -12.63 9.07 4.14
C HIS A 240 -13.46 10.00 3.27
N GLY A 241 -14.01 9.48 2.18
CA GLY A 241 -14.82 10.29 1.27
C GLY A 241 -16.26 9.82 1.20
N TYR A 242 -17.20 10.76 0.96
CA TYR A 242 -18.62 10.46 0.95
C TYR A 242 -19.25 11.19 -0.19
N VAL A 243 -19.94 10.48 -1.06
CA VAL A 243 -20.60 11.05 -2.22
C VAL A 243 -22.06 10.58 -2.23
N THR A 244 -23.01 11.50 -2.36
CA THR A 244 -24.41 11.13 -2.50
C THR A 244 -24.66 10.92 -3.98
N VAL A 245 -24.96 9.69 -4.40
CA VAL A 245 -25.21 9.42 -5.82
C VAL A 245 -26.69 9.59 -6.21
N LYS A 246 -27.60 9.49 -5.24
CA LYS A 246 -29.05 9.68 -5.40
C LYS A 246 -29.64 9.95 -4.01
N PRO A 247 -30.83 10.55 -3.92
CA PRO A 247 -31.34 10.96 -2.60
C PRO A 247 -31.15 9.99 -1.42
N ARG A 248 -31.49 8.71 -1.56
CA ARG A 248 -31.30 7.80 -0.41
C ARG A 248 -29.94 7.05 -0.41
N VAL A 249 -29.06 7.31 -1.40
CA VAL A 249 -27.82 6.54 -1.52
C VAL A 249 -26.55 7.34 -1.47
N ARG A 250 -25.75 7.08 -0.45
CA ARG A 250 -24.46 7.72 -0.30
C ARG A 250 -23.39 6.63 -0.30
N LEU A 251 -22.32 6.82 -1.10
CA LEU A 251 -21.23 5.87 -1.12
C LEU A 251 -20.03 6.38 -0.35
N HIS A 252 -19.43 5.50 0.46
CA HIS A 252 -18.23 5.80 1.20
C HIS A 252 -17.03 5.13 0.50
N PHE A 253 -15.89 5.80 0.53
CA PHE A 253 -14.65 5.27 0.00
C PHE A 253 -13.49 5.83 0.82
N VAL A 254 -12.34 5.21 0.66
CA VAL A 254 -11.10 5.58 1.29
C VAL A 254 -10.16 5.93 0.12
N GLU A 255 -9.37 7.00 0.27
CA GLU A 255 -8.55 7.48 -0.84
C GLU A 255 -7.11 7.70 -0.47
N LEU A 256 -6.18 7.24 -1.33
CA LEU A 256 -4.75 7.44 -1.06
C LEU A 256 -4.01 7.55 -2.40
N GLY A 257 -3.07 8.47 -2.49
CA GLY A 257 -2.23 8.60 -3.69
C GLY A 257 -2.66 9.64 -4.71
N SER A 258 -1.77 9.86 -5.69
CA SER A 258 -1.97 10.75 -6.82
C SER A 258 -1.63 10.00 -8.08
N GLY A 259 -2.23 10.39 -9.18
CA GLY A 259 -2.02 9.72 -10.45
C GLY A 259 -3.32 9.19 -11.01
N PRO A 260 -3.27 8.27 -11.98
CA PRO A 260 -4.51 7.76 -12.57
C PRO A 260 -5.41 7.10 -11.52
N ALA A 261 -6.72 7.32 -11.61
CA ALA A 261 -7.68 6.78 -10.65
C ALA A 261 -7.86 5.29 -10.79
N VAL A 262 -7.80 4.57 -9.67
CA VAL A 262 -7.98 3.14 -9.63
C VAL A 262 -9.07 2.85 -8.59
N CYS A 263 -10.19 2.30 -9.02
CA CYS A 263 -11.33 1.99 -8.16
CA CYS A 263 -11.34 1.96 -8.16
C CYS A 263 -11.34 0.50 -7.77
N LEU A 264 -11.26 0.21 -6.48
CA LEU A 264 -11.28 -1.16 -5.95
C LEU A 264 -12.67 -1.53 -5.45
N CYS A 265 -13.18 -2.63 -5.95
CA CYS A 265 -14.53 -3.11 -5.66
C CYS A 265 -14.50 -4.51 -4.97
N HIS A 266 -14.80 -4.56 -3.69
CA HIS A 266 -14.78 -5.78 -2.89
C HIS A 266 -15.97 -6.74 -3.18
N GLY A 267 -15.88 -7.97 -2.64
CA GLY A 267 -16.94 -8.96 -2.80
C GLY A 267 -17.75 -9.18 -1.54
N PHE A 268 -18.42 -10.32 -1.45
CA PHE A 268 -19.26 -10.66 -0.31
C PHE A 268 -18.57 -11.62 0.63
N PRO A 269 -18.68 -11.42 1.96
CA PRO A 269 -19.29 -10.29 2.69
C PRO A 269 -18.15 -9.41 3.22
N GLU A 270 -17.65 -8.48 2.39
CA GLU A 270 -16.40 -7.82 2.72
C GLU A 270 -16.52 -6.29 2.98
N SER A 271 -15.53 -5.51 2.60
CA SER A 271 -15.43 -4.13 2.98
C SER A 271 -14.29 -3.51 2.16
N TRP A 272 -14.13 -2.17 2.18
CA TRP A 272 -12.97 -1.53 1.57
C TRP A 272 -11.66 -2.09 2.24
N TYR A 273 -11.75 -2.47 3.53
CA TYR A 273 -10.67 -3.02 4.34
C TYR A 273 -10.07 -4.32 3.78
N SER A 274 -10.80 -5.03 2.92
CA SER A 274 -10.25 -6.22 2.26
C SER A 274 -9.11 -5.86 1.29
N TRP A 275 -8.94 -4.57 0.92
CA TRP A 275 -7.83 -4.14 0.10
C TRP A 275 -6.71 -3.49 0.92
N ARG A 276 -6.70 -3.66 2.27
CA ARG A 276 -5.68 -3.06 3.15
C ARG A 276 -4.21 -3.25 2.70
N TYR A 277 -3.85 -4.38 2.07
CA TYR A 277 -2.46 -4.59 1.63
C TYR A 277 -2.17 -4.02 0.25
N GLN A 278 -3.20 -3.79 -0.57
CA GLN A 278 -3.03 -3.27 -1.91
C GLN A 278 -3.02 -1.76 -1.91
N ILE A 279 -3.77 -1.09 -1.03
CA ILE A 279 -3.91 0.36 -1.04
C ILE A 279 -2.55 1.10 -0.92
N PRO A 280 -1.69 0.83 0.09
CA PRO A 280 -0.42 1.57 0.15
C PRO A 280 0.49 1.20 -1.01
N ALA A 281 0.51 -0.08 -1.43
CA ALA A 281 1.35 -0.52 -2.56
C ALA A 281 0.98 0.15 -3.87
N LEU A 282 -0.31 0.25 -4.18
CA LEU A 282 -0.77 0.83 -5.42
C LEU A 282 -0.54 2.37 -5.43
N ALA A 283 -0.68 3.02 -4.28
CA ALA A 283 -0.44 4.45 -4.19
C ALA A 283 1.06 4.72 -4.36
N GLN A 284 1.91 3.87 -3.74
CA GLN A 284 3.36 4.03 -3.88
C GLN A 284 3.81 3.81 -5.34
N ALA A 285 3.10 2.93 -6.08
CA ALA A 285 3.40 2.72 -7.48
C ALA A 285 3.00 3.90 -8.38
N GLY A 286 2.30 4.91 -7.85
CA GLY A 286 1.93 6.08 -8.65
C GLY A 286 0.49 6.15 -9.12
N TYR A 287 -0.44 5.59 -8.34
CA TYR A 287 -1.87 5.59 -8.66
C TYR A 287 -2.66 6.21 -7.54
N ARG A 288 -3.81 6.80 -7.89
CA ARG A 288 -4.72 7.38 -6.93
C ARG A 288 -5.72 6.27 -6.66
N VAL A 289 -5.69 5.71 -5.48
CA VAL A 289 -6.51 4.58 -5.12
C VAL A 289 -7.81 4.98 -4.43
N LEU A 290 -8.94 4.47 -4.92
CA LEU A 290 -10.23 4.70 -4.31
C LEU A 290 -10.78 3.34 -3.94
N ALA A 291 -10.79 3.00 -2.64
CA ALA A 291 -11.29 1.69 -2.22
C ALA A 291 -12.69 1.89 -1.67
N MET A 292 -13.67 1.35 -2.34
CA MET A 292 -15.08 1.55 -1.99
C MET A 292 -15.59 0.66 -0.89
N ASP A 293 -16.64 1.14 -0.21
CA ASP A 293 -17.54 0.32 0.56
C ASP A 293 -18.64 0.21 -0.48
N MET A 294 -18.89 -1.01 -1.04
CA MET A 294 -19.94 -1.15 -2.05
C MET A 294 -21.31 -0.91 -1.41
N LYS A 295 -22.33 -0.64 -2.22
CA LYS A 295 -23.70 -0.41 -1.72
C LYS A 295 -24.16 -1.60 -0.86
N GLY A 296 -24.68 -1.30 0.32
CA GLY A 296 -25.13 -2.30 1.29
C GLY A 296 -24.12 -2.58 2.39
N TYR A 297 -22.93 -2.03 2.28
CA TYR A 297 -21.82 -2.32 3.18
C TYR A 297 -21.24 -1.12 3.92
N GLY A 298 -20.75 -1.38 5.12
CA GLY A 298 -20.03 -0.44 5.97
C GLY A 298 -20.68 0.90 6.11
N GLU A 299 -19.97 1.95 5.69
CA GLU A 299 -20.50 3.29 5.77
C GLU A 299 -21.29 3.74 4.55
N SER A 300 -21.44 2.90 3.52
CA SER A 300 -22.28 3.25 2.36
C SER A 300 -23.74 2.95 2.73
N SER A 301 -24.68 3.57 2.03
CA SER A 301 -26.10 3.34 2.26
C SER A 301 -26.48 1.91 2.03
N ALA A 302 -27.43 1.42 2.83
CA ALA A 302 -27.89 0.05 2.71
C ALA A 302 -29.44 0.00 2.66
N PRO A 303 -30.07 0.48 1.57
CA PRO A 303 -31.54 0.38 1.49
C PRO A 303 -32.02 -1.07 1.51
N PRO A 304 -33.22 -1.32 2.04
CA PRO A 304 -33.68 -2.72 2.17
C PRO A 304 -34.20 -3.39 0.89
N GLU A 305 -34.71 -2.61 -0.05
CA GLU A 305 -35.32 -3.13 -1.27
C GLU A 305 -34.36 -3.97 -2.09
N ILE A 306 -34.82 -5.16 -2.53
CA ILE A 306 -34.01 -6.10 -3.28
C ILE A 306 -33.49 -5.52 -4.59
N GLU A 307 -34.39 -4.89 -5.34
CA GLU A 307 -34.12 -4.33 -6.66
C GLU A 307 -33.13 -3.14 -6.64
N GLU A 308 -32.79 -2.62 -5.44
CA GLU A 308 -31.77 -1.61 -5.32
C GLU A 308 -30.35 -2.21 -5.57
N TYR A 309 -30.22 -3.56 -5.66
CA TYR A 309 -28.95 -4.25 -5.82
C TYR A 309 -28.82 -5.05 -7.08
N CYS A 310 -29.66 -4.78 -8.08
CA CYS A 310 -29.51 -5.42 -9.36
C CYS A 310 -28.32 -4.70 -10.08
N MET A 311 -27.62 -5.42 -10.94
CA MET A 311 -26.41 -4.92 -11.61
C MET A 311 -26.63 -3.62 -12.39
N GLU A 312 -27.78 -3.46 -13.04
CA GLU A 312 -28.07 -2.26 -13.81
C GLU A 312 -28.07 -1.01 -12.92
N VAL A 313 -28.64 -1.11 -11.72
CA VAL A 313 -28.70 0.02 -10.78
C VAL A 313 -27.31 0.28 -10.20
N LEU A 314 -26.63 -0.79 -9.81
CA LEU A 314 -25.29 -0.71 -9.22
C LEU A 314 -24.27 -0.07 -10.19
N CYS A 315 -24.32 -0.45 -11.47
CA CYS A 315 -23.41 0.10 -12.48
C CYS A 315 -23.71 1.57 -12.75
N LYS A 316 -24.99 1.93 -12.84
CA LYS A 316 -25.41 3.32 -13.08
C LYS A 316 -24.95 4.22 -11.93
N GLU A 317 -25.04 3.72 -10.69
CA GLU A 317 -24.60 4.49 -9.54
C GLU A 317 -23.09 4.66 -9.51
N MET A 318 -22.32 3.67 -10.03
CA MET A 318 -20.86 3.77 -10.15
C MET A 318 -20.47 4.82 -11.19
N VAL A 319 -21.28 4.97 -12.28
CA VAL A 319 -21.08 6.00 -13.27
C VAL A 319 -21.35 7.37 -12.64
N THR A 320 -22.46 7.50 -11.88
CA THR A 320 -22.77 8.74 -11.15
C THR A 320 -21.67 9.08 -10.17
N PHE A 321 -21.08 8.05 -9.52
CA PHE A 321 -19.96 8.25 -8.59
C PHE A 321 -18.77 8.93 -9.30
N LEU A 322 -18.39 8.47 -10.49
CA LEU A 322 -17.31 9.08 -11.27
C LEU A 322 -17.71 10.53 -11.66
N ASP A 323 -18.96 10.73 -12.14
CA ASP A 323 -19.47 12.07 -12.50
C ASP A 323 -19.35 13.06 -11.34
N LYS A 324 -19.77 12.68 -10.12
CA LYS A 324 -19.73 13.58 -8.98
C LYS A 324 -18.30 13.88 -8.51
N LEU A 325 -17.38 12.94 -8.71
CA LEU A 325 -15.98 13.16 -8.36
C LEU A 325 -15.21 13.93 -9.47
N GLY A 326 -15.80 14.04 -10.66
CA GLY A 326 -15.20 14.73 -11.80
C GLY A 326 -14.16 13.88 -12.49
N LEU A 327 -14.35 12.54 -12.51
CA LEU A 327 -13.42 11.64 -13.15
C LEU A 327 -14.05 11.18 -14.44
N SER A 328 -13.38 11.44 -15.57
CA SER A 328 -13.92 10.96 -16.85
C SER A 328 -13.72 9.44 -16.96
N GLN A 329 -12.64 8.90 -16.37
CA GLN A 329 -12.34 7.47 -16.36
C GLN A 329 -11.70 7.02 -15.04
N ALA A 330 -11.77 5.70 -14.77
CA ALA A 330 -11.07 5.06 -13.69
C ALA A 330 -10.72 3.64 -14.13
N VAL A 331 -9.65 3.07 -13.58
CA VAL A 331 -9.33 1.69 -13.80
C VAL A 331 -10.25 0.95 -12.78
N PHE A 332 -11.00 -0.06 -13.20
CA PHE A 332 -11.85 -0.81 -12.27
C PHE A 332 -11.24 -2.19 -11.95
N ILE A 333 -11.00 -2.43 -10.67
CA ILE A 333 -10.48 -3.72 -10.18
C ILE A 333 -11.48 -4.30 -9.19
N GLY A 334 -11.99 -5.48 -9.47
CA GLY A 334 -12.95 -6.12 -8.60
C GLY A 334 -12.58 -7.52 -8.17
N HIS A 335 -13.22 -8.00 -7.13
CA HIS A 335 -13.02 -9.36 -6.61
C HIS A 335 -14.40 -9.88 -6.22
N ASP A 336 -14.70 -11.15 -6.57
CA ASP A 336 -15.96 -11.77 -6.19
C ASP A 336 -17.14 -10.96 -6.79
N TRP A 337 -18.14 -10.50 -6.00
CA TRP A 337 -19.24 -9.70 -6.56
C TRP A 337 -18.77 -8.42 -7.23
N GLY A 338 -17.70 -7.82 -6.71
CA GLY A 338 -17.10 -6.63 -7.29
C GLY A 338 -16.51 -6.90 -8.67
N GLY A 339 -16.02 -8.12 -8.88
CA GLY A 339 -15.44 -8.53 -10.15
C GLY A 339 -16.52 -8.72 -11.18
N MET A 340 -17.68 -9.24 -10.75
CA MET A 340 -18.85 -9.40 -11.60
C MET A 340 -19.30 -8.00 -12.09
N LEU A 341 -19.34 -7.01 -11.16
CA LEU A 341 -19.70 -5.63 -11.48
C LEU A 341 -18.71 -4.96 -12.48
N VAL A 342 -17.37 -5.16 -12.31
CA VAL A 342 -16.40 -4.51 -13.19
C VAL A 342 -16.48 -5.04 -14.64
N TRP A 343 -16.88 -6.33 -14.86
CA TRP A 343 -17.04 -6.79 -16.24
C TRP A 343 -18.23 -6.11 -16.88
N TYR A 344 -19.31 -5.88 -16.12
CA TYR A 344 -20.48 -5.20 -16.64
C TYR A 344 -20.24 -3.70 -16.83
N MET A 345 -19.37 -3.07 -16.03
CA MET A 345 -18.97 -1.69 -16.27
C MET A 345 -18.24 -1.59 -17.64
N ALA A 346 -17.36 -2.55 -17.95
CA ALA A 346 -16.64 -2.55 -19.23
C ALA A 346 -17.59 -2.79 -20.43
N LEU A 347 -18.59 -3.67 -20.28
CA LEU A 347 -19.54 -3.97 -21.35
C LEU A 347 -20.54 -2.85 -21.62
N PHE A 348 -20.96 -2.10 -20.59
CA PHE A 348 -21.99 -1.08 -20.76
C PHE A 348 -21.50 0.36 -20.74
N TYR A 349 -20.37 0.64 -20.09
CA TYR A 349 -19.80 1.98 -20.03
C TYR A 349 -18.29 1.95 -20.36
N PRO A 350 -17.88 1.48 -21.55
CA PRO A 350 -16.43 1.39 -21.85
C PRO A 350 -15.71 2.72 -21.85
N GLU A 351 -16.41 3.80 -22.18
CA GLU A 351 -15.81 5.11 -22.20
C GLU A 351 -15.36 5.57 -20.81
N ARG A 352 -15.96 5.05 -19.74
CA ARG A 352 -15.61 5.44 -18.36
C ARG A 352 -14.59 4.52 -17.69
N VAL A 353 -14.21 3.43 -18.37
CA VAL A 353 -13.33 2.42 -17.85
C VAL A 353 -12.03 2.45 -18.61
N ARG A 354 -10.95 2.88 -17.96
CA ARG A 354 -9.62 2.94 -18.54
C ARG A 354 -9.10 1.52 -18.81
N ALA A 355 -9.25 0.64 -17.82
CA ALA A 355 -8.84 -0.76 -17.86
C ALA A 355 -9.66 -1.53 -16.83
N VAL A 356 -9.80 -2.83 -17.02
CA VAL A 356 -10.60 -3.64 -16.12
C VAL A 356 -9.86 -4.90 -15.64
N ALA A 357 -9.91 -5.18 -14.33
CA ALA A 357 -9.30 -6.40 -13.79
C ALA A 357 -10.20 -7.09 -12.80
N SER A 358 -10.23 -8.43 -12.86
CA SER A 358 -10.99 -9.23 -11.93
C SER A 358 -10.12 -10.26 -11.24
N LEU A 359 -10.31 -10.39 -9.92
CA LEU A 359 -9.64 -11.39 -9.12
C LEU A 359 -10.70 -12.45 -8.89
N ASN A 360 -10.43 -13.70 -9.33
CA ASN A 360 -11.25 -14.92 -9.17
C ASN A 360 -12.49 -14.98 -10.03
N THR A 361 -13.23 -13.89 -10.14
CA THR A 361 -14.48 -13.88 -10.90
C THR A 361 -14.27 -13.86 -12.40
N PRO A 362 -14.71 -14.91 -13.10
CA PRO A 362 -14.59 -14.89 -14.57
C PRO A 362 -15.74 -14.12 -15.22
N PHE A 363 -15.59 -13.79 -16.51
CA PHE A 363 -16.66 -13.18 -17.25
C PHE A 363 -17.42 -14.35 -17.88
N ILE A 364 -18.67 -14.57 -17.47
CA ILE A 364 -19.47 -15.62 -18.08
C ILE A 364 -20.70 -14.98 -18.70
N PRO A 365 -20.81 -15.07 -20.04
CA PRO A 365 -21.94 -14.44 -20.72
C PRO A 365 -23.27 -15.11 -20.37
N ALA A 366 -24.34 -14.33 -20.42
CA ALA A 366 -25.67 -14.83 -20.12
C ALA A 366 -26.12 -15.81 -21.19
N ASN A 367 -26.82 -16.86 -20.77
CA ASN A 367 -27.36 -17.84 -21.70
C ASN A 367 -28.84 -17.46 -21.90
N PRO A 368 -29.23 -17.09 -23.11
CA PRO A 368 -30.64 -16.70 -23.33
C PRO A 368 -31.63 -17.88 -23.31
N ASN A 369 -31.12 -19.10 -23.48
CA ASN A 369 -31.96 -20.30 -23.45
C ASN A 369 -32.16 -20.88 -22.06
N MET A 370 -31.37 -20.43 -21.07
CA MET A 370 -31.42 -21.00 -19.74
C MET A 370 -31.48 -19.94 -18.64
N SER A 371 -32.46 -20.10 -17.74
CA SER A 371 -32.60 -19.23 -16.57
C SER A 371 -31.34 -19.37 -15.69
N PRO A 372 -30.85 -18.27 -15.11
CA PRO A 372 -29.64 -18.38 -14.26
C PRO A 372 -29.89 -19.23 -13.00
N LEU A 373 -31.14 -19.26 -12.50
CA LEU A 373 -31.51 -20.08 -11.33
C LEU A 373 -31.42 -21.57 -11.61
N GLU A 374 -31.63 -21.99 -12.87
CA GLU A 374 -31.50 -23.40 -13.24
C GLU A 374 -30.02 -23.79 -13.47
N SER A 375 -29.18 -22.83 -13.88
CA SER A 375 -27.75 -23.05 -14.06
C SER A 375 -27.04 -23.22 -12.71
N ILE A 376 -27.52 -22.51 -11.67
CA ILE A 376 -26.96 -22.58 -10.33
C ILE A 376 -27.24 -23.96 -9.70
N LYS A 377 -28.39 -24.57 -10.01
CA LYS A 377 -28.73 -25.89 -9.51
C LYS A 377 -27.84 -26.98 -10.15
N ALA A 378 -27.42 -26.79 -11.40
CA ALA A 378 -26.55 -27.73 -12.12
C ALA A 378 -25.15 -27.88 -11.47
N ASN A 379 -24.72 -26.91 -10.65
CA ASN A 379 -23.41 -27.00 -9.98
C ASN A 379 -23.64 -27.11 -8.47
N PRO A 380 -23.28 -28.25 -7.87
CA PRO A 380 -23.53 -28.44 -6.43
C PRO A 380 -22.78 -27.46 -5.50
N VAL A 381 -21.63 -26.90 -5.95
CA VAL A 381 -20.89 -25.95 -5.10
C VAL A 381 -21.59 -24.59 -4.96
N PHE A 382 -22.53 -24.25 -5.88
CA PHE A 382 -23.30 -23.01 -5.81
C PHE A 382 -24.63 -23.18 -5.04
N ASP A 383 -24.75 -24.24 -4.22
CA ASP A 383 -25.94 -24.54 -3.45
C ASP A 383 -26.22 -23.46 -2.41
N TYR A 384 -25.16 -22.88 -1.82
CA TYR A 384 -25.29 -21.81 -0.84
C TYR A 384 -26.04 -20.58 -1.47
N GLN A 385 -25.98 -20.41 -2.80
CA GLN A 385 -26.69 -19.32 -3.46
C GLN A 385 -28.20 -19.53 -3.48
N LEU A 386 -28.65 -20.80 -3.52
CA LEU A 386 -30.09 -21.10 -3.45
C LEU A 386 -30.58 -20.79 -2.02
N TYR A 387 -29.75 -21.11 -1.00
CA TYR A 387 -30.02 -20.84 0.41
C TYR A 387 -30.16 -19.32 0.66
N PHE A 388 -29.40 -18.51 -0.07
CA PHE A 388 -29.42 -17.05 0.05
C PHE A 388 -30.66 -16.40 -0.60
N GLN A 389 -31.49 -17.14 -1.34
CA GLN A 389 -32.64 -16.56 -2.04
C GLN A 389 -33.77 -16.05 -1.15
N GLU A 390 -34.20 -16.83 -0.16
CA GLU A 390 -35.33 -16.45 0.68
C GLU A 390 -34.97 -15.35 1.66
N PRO A 391 -35.63 -14.18 1.56
CA PRO A 391 -35.28 -13.07 2.45
C PRO A 391 -35.53 -13.40 3.91
N GLY A 392 -34.54 -13.10 4.75
CA GLY A 392 -34.61 -13.30 6.18
C GLY A 392 -33.90 -14.53 6.71
N VAL A 393 -33.91 -15.62 5.91
CA VAL A 393 -33.30 -16.88 6.34
C VAL A 393 -31.79 -16.77 6.57
N ALA A 394 -30.97 -16.49 5.53
CA ALA A 394 -29.52 -16.42 5.74
C ALA A 394 -29.14 -15.24 6.63
N GLU A 395 -29.94 -14.15 6.63
CA GLU A 395 -29.65 -13.01 7.52
C GLU A 395 -29.60 -13.47 8.98
N ALA A 396 -30.64 -14.19 9.44
CA ALA A 396 -30.73 -14.65 10.83
C ALA A 396 -29.54 -15.49 11.23
N GLU A 397 -29.12 -16.44 10.36
CA GLU A 397 -27.95 -17.26 10.67
C GLU A 397 -26.64 -16.45 10.70
N LEU A 398 -26.39 -15.63 9.66
CA LEU A 398 -25.16 -14.84 9.59
C LEU A 398 -25.06 -13.74 10.64
N GLU A 399 -26.19 -13.16 11.08
CA GLU A 399 -26.20 -12.08 12.09
C GLU A 399 -26.21 -12.58 13.53
N GLN A 400 -26.53 -13.87 13.75
CA GLN A 400 -26.60 -14.45 15.09
C GLN A 400 -25.33 -14.27 15.88
N ASN A 401 -24.17 -14.57 15.29
CA ASN A 401 -22.89 -14.39 15.98
C ASN A 401 -21.88 -13.90 14.92
N LEU A 402 -21.62 -12.59 14.91
CA LEU A 402 -20.76 -11.96 13.90
C LEU A 402 -19.34 -12.42 13.96
N SER A 403 -18.83 -12.62 15.17
CA SER A 403 -17.47 -13.07 15.38
C SER A 403 -17.28 -14.46 14.76
N ARG A 404 -18.27 -15.35 14.95
CA ARG A 404 -18.24 -16.71 14.43
C ARG A 404 -18.35 -16.68 12.91
N THR A 405 -19.28 -15.86 12.37
CA THR A 405 -19.45 -15.71 10.93
C THR A 405 -18.12 -15.36 10.20
N PHE A 406 -17.38 -14.34 10.66
CA PHE A 406 -16.15 -13.96 9.98
C PHE A 406 -15.01 -14.91 10.23
N LYS A 407 -14.96 -15.48 11.46
CA LYS A 407 -13.93 -16.46 11.77
C LYS A 407 -14.10 -17.74 10.96
N SER A 408 -15.34 -18.14 10.66
CA SER A 408 -15.61 -19.32 9.84
C SER A 408 -15.39 -19.07 8.36
N LEU A 409 -15.61 -17.83 7.89
CA LEU A 409 -15.49 -17.54 6.46
C LEU A 409 -14.05 -17.25 6.04
N PHE A 410 -13.37 -16.36 6.76
CA PHE A 410 -12.03 -15.90 6.36
C PHE A 410 -10.94 -16.88 6.74
N ARG A 411 -10.85 -17.97 5.98
CA ARG A 411 -9.85 -19.01 6.24
C ARG A 411 -9.08 -19.35 4.97
N ALA A 412 -7.82 -19.79 5.13
CA ALA A 412 -7.01 -20.27 4.01
C ALA A 412 -7.61 -21.62 3.50
N SER A 413 -7.26 -22.01 2.28
CA SER A 413 -7.81 -23.22 1.63
C SER A 413 -7.68 -24.54 2.46
N ASP A 414 -6.58 -24.68 3.21
CA ASP A 414 -6.37 -25.86 4.04
C ASP A 414 -6.96 -25.75 5.46
N GLU A 415 -7.60 -24.63 5.79
CA GLU A 415 -8.20 -24.40 7.11
C GLU A 415 -9.72 -24.41 7.08
N SER A 416 -10.35 -24.65 5.92
CA SER A 416 -11.79 -24.63 5.75
C SER A 416 -12.54 -25.46 6.79
N VAL A 417 -13.64 -24.89 7.27
CA VAL A 417 -14.50 -25.50 8.28
C VAL A 417 -15.98 -25.62 7.77
N LEU A 418 -16.25 -25.17 6.52
CA LEU A 418 -17.58 -25.21 5.92
C LEU A 418 -17.61 -26.04 4.65
N SER A 419 -18.68 -26.82 4.49
CA SER A 419 -18.94 -27.56 3.25
C SER A 419 -19.92 -26.67 2.46
N MET A 420 -19.50 -26.17 1.28
CA MET A 420 -20.36 -25.27 0.50
C MET A 420 -21.51 -25.95 -0.26
N HIS A 421 -21.51 -27.29 -0.27
CA HIS A 421 -22.58 -28.04 -0.91
C HIS A 421 -23.49 -28.66 0.16
N LYS A 422 -24.73 -29.01 -0.21
CA LYS A 422 -25.70 -29.56 0.73
C LYS A 422 -26.01 -28.60 1.89
N VAL A 423 -25.91 -27.28 1.63
CA VAL A 423 -26.19 -26.21 2.59
C VAL A 423 -27.69 -26.18 2.88
N CYS A 424 -28.50 -26.26 1.82
CA CYS A 424 -29.96 -26.24 1.93
C CYS A 424 -30.49 -27.47 2.67
N GLU A 425 -29.97 -28.65 2.32
CA GLU A 425 -30.36 -29.93 2.92
C GLU A 425 -29.98 -29.98 4.39
N ALA A 426 -28.80 -29.44 4.73
CA ALA A 426 -28.35 -29.40 6.12
C ALA A 426 -29.12 -28.38 6.97
N GLY A 427 -29.78 -27.41 6.35
CA GLY A 427 -30.55 -26.40 7.05
C GLY A 427 -29.80 -25.13 7.41
N GLY A 428 -28.55 -25.03 6.99
CA GLY A 428 -27.74 -23.85 7.26
C GLY A 428 -26.33 -23.95 6.72
N LEU A 429 -25.56 -22.90 6.95
CA LEU A 429 -24.16 -22.79 6.54
C LEU A 429 -23.24 -23.28 7.65
N PHE A 430 -23.59 -23.04 8.92
CA PHE A 430 -22.79 -23.36 10.09
C PHE A 430 -23.34 -24.55 10.90
N VAL A 431 -24.15 -25.42 10.30
CA VAL A 431 -24.77 -26.55 11.00
C VAL A 431 -23.75 -27.60 11.52
N ASN A 432 -22.72 -27.92 10.73
CA ASN A 432 -21.68 -28.85 11.19
C ASN A 432 -20.39 -28.12 11.54
N SER A 433 -20.50 -26.84 11.93
CA SER A 433 -19.36 -25.99 12.20
C SER A 433 -19.17 -25.74 13.67
N PRO A 434 -17.92 -25.55 14.12
CA PRO A 434 -17.68 -25.26 15.53
C PRO A 434 -18.26 -23.91 15.94
N GLU A 435 -18.74 -23.80 17.17
CA GLU A 435 -19.27 -22.54 17.68
C GLU A 435 -18.14 -21.53 17.88
N GLU A 436 -16.96 -22.00 18.29
CA GLU A 436 -15.80 -21.16 18.50
C GLU A 436 -14.71 -21.63 17.54
N PRO A 437 -14.71 -21.14 16.29
CA PRO A 437 -13.66 -21.55 15.35
C PRO A 437 -12.31 -20.97 15.76
N SER A 438 -11.22 -21.68 15.44
CA SER A 438 -9.89 -21.14 15.73
C SER A 438 -9.61 -19.96 14.78
N LEU A 439 -8.69 -19.09 15.14
CA LEU A 439 -8.33 -17.96 14.30
C LEU A 439 -7.46 -18.47 13.14
N SER A 440 -7.74 -18.02 11.94
CA SER A 440 -6.98 -18.40 10.77
C SER A 440 -5.60 -17.71 10.79
N ARG A 441 -4.58 -18.35 10.19
CA ARG A 441 -3.23 -17.74 10.06
C ARG A 441 -3.22 -16.52 9.10
N MET A 442 -4.30 -16.36 8.31
CA MET A 442 -4.48 -15.30 7.35
C MET A 442 -4.84 -13.98 8.04
N VAL A 443 -5.62 -14.03 9.15
CA VAL A 443 -6.08 -12.80 9.81
C VAL A 443 -5.74 -12.71 11.30
N THR A 444 -5.67 -11.47 11.84
CA THR A 444 -5.49 -11.28 13.27
C THR A 444 -6.88 -11.06 13.92
N GLU A 445 -6.96 -11.09 15.25
CA GLU A 445 -8.22 -10.88 15.94
C GLU A 445 -8.73 -9.46 15.68
N GLU A 446 -7.81 -8.46 15.67
CA GLU A 446 -8.07 -7.06 15.42
C GLU A 446 -8.69 -6.84 14.02
N GLU A 447 -8.19 -7.54 12.98
CA GLU A 447 -8.73 -7.45 11.64
C GLU A 447 -10.14 -8.01 11.59
N ILE A 448 -10.41 -9.14 12.31
CA ILE A 448 -11.75 -9.75 12.38
C ILE A 448 -12.71 -8.77 13.03
N GLN A 449 -12.26 -8.11 14.13
CA GLN A 449 -13.11 -7.17 14.83
C GLN A 449 -13.52 -5.97 13.98
N PHE A 450 -12.67 -5.54 13.00
CA PHE A 450 -13.03 -4.43 12.11
C PHE A 450 -14.26 -4.80 11.30
N TYR A 451 -14.28 -6.01 10.74
CA TYR A 451 -15.43 -6.46 9.96
C TYR A 451 -16.66 -6.62 10.84
N VAL A 452 -16.50 -7.11 12.07
CA VAL A 452 -17.62 -7.28 13.03
C VAL A 452 -18.27 -5.90 13.28
N GLN A 453 -17.46 -4.87 13.54
CA GLN A 453 -17.91 -3.51 13.76
C GLN A 453 -18.65 -2.97 12.54
N GLN A 454 -18.14 -3.24 11.34
CA GLN A 454 -18.79 -2.79 10.12
C GLN A 454 -20.13 -3.45 9.89
N PHE A 455 -20.24 -4.76 10.14
CA PHE A 455 -21.51 -5.45 9.93
C PHE A 455 -22.52 -5.24 11.08
N LYS A 456 -22.10 -4.67 12.21
CA LYS A 456 -23.01 -4.35 13.31
C LYS A 456 -23.95 -3.21 12.87
N LYS A 457 -23.46 -2.28 12.01
CA LYS A 457 -24.24 -1.17 11.48
C LYS A 457 -25.43 -1.60 10.59
N SER A 458 -25.20 -2.21 9.40
CA SER A 458 -26.34 -2.51 8.52
C SER A 458 -26.72 -3.98 8.35
N GLY A 459 -26.02 -4.89 9.01
CA GLY A 459 -26.34 -6.30 8.89
C GLY A 459 -26.08 -6.88 7.51
N PHE A 460 -26.70 -8.01 7.21
CA PHE A 460 -26.48 -8.76 5.98
C PHE A 460 -27.54 -8.61 4.93
N ARG A 461 -28.61 -7.85 5.18
CA ARG A 461 -29.68 -7.70 4.19
C ARG A 461 -29.19 -7.14 2.83
N GLY A 462 -28.55 -5.96 2.85
CA GLY A 462 -27.97 -5.33 1.66
C GLY A 462 -26.99 -6.23 0.93
N PRO A 463 -25.99 -6.74 1.63
CA PRO A 463 -25.04 -7.69 1.01
C PRO A 463 -25.69 -8.92 0.35
N LEU A 464 -26.71 -9.53 1.01
CA LEU A 464 -27.42 -10.71 0.49
C LEU A 464 -28.32 -10.38 -0.68
N ASN A 465 -28.83 -9.13 -0.74
CA ASN A 465 -29.64 -8.71 -1.88
C ASN A 465 -28.86 -8.73 -3.18
N TRP A 466 -27.50 -8.69 -3.16
CA TRP A 466 -26.72 -8.80 -4.40
C TRP A 466 -27.00 -10.15 -5.11
N TYR A 467 -27.38 -11.20 -4.33
CA TYR A 467 -27.72 -12.53 -4.84
C TYR A 467 -29.17 -12.69 -5.24
N ARG A 468 -30.03 -11.72 -4.97
CA ARG A 468 -31.46 -11.86 -5.17
C ARG A 468 -32.01 -11.15 -6.40
N ASN A 469 -31.17 -10.92 -7.39
CA ASN A 469 -31.55 -10.27 -8.63
C ASN A 469 -31.08 -11.11 -9.84
N MET A 470 -31.02 -12.43 -9.69
CA MET A 470 -30.55 -13.34 -10.74
CA MET A 470 -30.52 -13.30 -10.75
C MET A 470 -31.27 -13.16 -12.08
N GLU A 471 -32.60 -13.13 -12.05
CA GLU A 471 -33.40 -12.98 -13.26
C GLU A 471 -33.26 -11.58 -13.89
N ARG A 472 -33.28 -10.52 -13.06
CA ARG A 472 -33.15 -9.15 -13.56
C ARG A 472 -31.78 -8.96 -14.21
N ASN A 473 -30.73 -9.51 -13.58
CA ASN A 473 -29.36 -9.37 -14.10
C ASN A 473 -29.21 -10.12 -15.42
N TRP A 474 -29.83 -11.30 -15.50
CA TRP A 474 -29.84 -12.15 -16.68
C TRP A 474 -30.47 -11.41 -17.85
N LYS A 475 -31.66 -10.82 -17.63
CA LYS A 475 -32.35 -10.06 -18.68
C LYS A 475 -31.52 -8.87 -19.14
N TRP A 476 -30.87 -8.16 -18.21
CA TRP A 476 -30.04 -7.02 -18.53
C TRP A 476 -28.81 -7.40 -19.35
N ALA A 477 -28.07 -8.45 -18.92
CA ALA A 477 -26.86 -8.95 -19.57
C ALA A 477 -27.11 -9.48 -20.96
N CYS A 478 -28.33 -9.96 -21.24
CA CYS A 478 -28.68 -10.46 -22.56
C CYS A 478 -28.59 -9.37 -23.64
N LYS A 479 -28.73 -8.08 -23.25
CA LYS A 479 -28.57 -6.95 -24.19
C LYS A 479 -27.12 -6.82 -24.71
N SER A 480 -26.14 -7.40 -24.01
CA SER A 480 -24.74 -7.27 -24.37
C SER A 480 -24.14 -8.48 -25.06
N LEU A 481 -24.95 -9.47 -25.46
CA LEU A 481 -24.44 -10.70 -26.09
C LEU A 481 -23.73 -10.51 -27.42
N GLY A 482 -24.00 -9.41 -28.12
CA GLY A 482 -23.34 -9.13 -29.38
C GLY A 482 -22.03 -8.36 -29.25
N ARG A 483 -21.68 -7.95 -28.03
CA ARG A 483 -20.48 -7.14 -27.79
C ARG A 483 -19.26 -7.96 -27.43
N LYS A 484 -18.09 -7.34 -27.53
CA LYS A 484 -16.85 -7.90 -27.05
C LYS A 484 -16.17 -6.87 -26.13
N ILE A 485 -15.27 -7.32 -25.26
CA ILE A 485 -14.55 -6.41 -24.39
C ILE A 485 -13.23 -6.14 -25.09
N LEU A 486 -13.05 -4.93 -25.62
CA LEU A 486 -11.88 -4.59 -26.42
C LEU A 486 -10.96 -3.54 -25.78
N ILE A 487 -11.16 -3.27 -24.49
CA ILE A 487 -10.32 -2.38 -23.71
C ILE A 487 -9.34 -3.25 -22.89
N PRO A 488 -8.23 -2.69 -22.37
CA PRO A 488 -7.28 -3.53 -21.59
C PRO A 488 -7.94 -4.24 -20.40
N ALA A 489 -7.66 -5.54 -20.30
CA ALA A 489 -8.30 -6.41 -19.34
C ALA A 489 -7.36 -7.45 -18.74
N LEU A 490 -7.50 -7.70 -17.44
CA LEU A 490 -6.73 -8.69 -16.70
C LEU A 490 -7.63 -9.66 -15.93
N MET A 491 -7.38 -10.97 -16.07
CA MET A 491 -8.12 -11.97 -15.30
C MET A 491 -7.11 -12.66 -14.39
N VAL A 492 -7.31 -12.61 -13.06
CA VAL A 492 -6.41 -13.28 -12.14
C VAL A 492 -7.12 -14.46 -11.51
N THR A 493 -6.63 -15.67 -11.72
CA THR A 493 -7.25 -16.88 -11.16
C THR A 493 -6.56 -17.31 -9.88
N ALA A 494 -7.31 -17.96 -9.00
CA ALA A 494 -6.78 -18.45 -7.72
C ALA A 494 -6.93 -19.97 -7.67
N GLU A 495 -5.81 -20.68 -7.69
CA GLU A 495 -5.75 -22.14 -7.72
C GLU A 495 -6.71 -22.88 -6.78
N LYS A 496 -6.75 -22.48 -5.51
CA LYS A 496 -7.53 -23.18 -4.51
C LYS A 496 -8.88 -22.56 -4.20
N ASP A 497 -9.43 -21.73 -5.11
CA ASP A 497 -10.77 -21.20 -4.90
C ASP A 497 -11.68 -22.33 -5.40
N PHE A 498 -12.38 -23.00 -4.49
N PHE A 498 -12.38 -23.00 -4.49
CA PHE A 498 -13.24 -24.13 -4.86
CA PHE A 498 -13.24 -24.13 -4.86
C PHE A 498 -14.63 -23.73 -5.33
C PHE A 498 -14.63 -23.73 -5.33
N VAL A 499 -14.98 -22.44 -5.33
CA VAL A 499 -16.27 -21.96 -5.81
C VAL A 499 -16.05 -21.29 -7.19
N LEU A 500 -15.10 -20.36 -7.24
CA LEU A 500 -14.72 -19.66 -8.46
C LEU A 500 -13.41 -20.28 -8.97
N VAL A 501 -13.50 -21.54 -9.45
CA VAL A 501 -12.36 -22.33 -9.91
C VAL A 501 -11.72 -21.73 -11.17
N PRO A 502 -10.38 -21.84 -11.33
CA PRO A 502 -9.72 -21.26 -12.52
C PRO A 502 -10.27 -21.78 -13.85
N GLN A 503 -10.77 -23.02 -13.87
CA GLN A 503 -11.37 -23.68 -15.04
C GLN A 503 -12.60 -22.94 -15.57
N MET A 504 -13.32 -22.21 -14.70
CA MET A 504 -14.49 -21.44 -15.13
C MET A 504 -14.14 -20.22 -16.02
N SER A 505 -12.87 -19.86 -16.12
CA SER A 505 -12.44 -18.72 -16.91
C SER A 505 -11.88 -19.08 -18.30
N GLN A 506 -11.73 -20.37 -18.61
CA GLN A 506 -11.05 -20.84 -19.82
C GLN A 506 -11.57 -20.33 -21.18
N HIS A 507 -12.85 -19.96 -21.32
CA HIS A 507 -13.35 -19.49 -22.61
C HIS A 507 -13.45 -17.95 -22.73
N MET A 508 -12.94 -17.22 -21.75
CA MET A 508 -12.99 -15.76 -21.71
C MET A 508 -12.34 -15.08 -22.93
N GLU A 509 -11.36 -15.73 -23.57
CA GLU A 509 -10.68 -15.18 -24.76
C GLU A 509 -11.61 -15.01 -25.96
N ASP A 510 -12.72 -15.77 -26.03
CA ASP A 510 -13.70 -15.64 -27.10
C ASP A 510 -14.42 -14.27 -27.04
N TRP A 511 -14.55 -13.70 -25.82
CA TRP A 511 -15.23 -12.43 -25.57
C TRP A 511 -14.26 -11.29 -25.35
N ILE A 512 -13.05 -11.58 -24.85
CA ILE A 512 -12.05 -10.57 -24.53
C ILE A 512 -10.78 -11.09 -25.20
N PRO A 513 -10.65 -10.91 -26.53
CA PRO A 513 -9.51 -11.51 -27.25
C PRO A 513 -8.11 -11.11 -26.80
N HIS A 514 -7.93 -9.86 -26.36
CA HIS A 514 -6.60 -9.41 -25.92
C HIS A 514 -6.38 -9.53 -24.40
N LEU A 515 -7.19 -10.34 -23.72
CA LEU A 515 -7.14 -10.58 -22.28
C LEU A 515 -5.76 -10.96 -21.77
N LYS A 516 -5.32 -10.33 -20.69
CA LYS A 516 -4.09 -10.72 -20.01
C LYS A 516 -4.45 -11.58 -18.80
N ARG A 517 -3.53 -12.46 -18.41
CA ARG A 517 -3.78 -13.38 -17.32
C ARG A 517 -2.74 -13.35 -16.24
N GLY A 518 -3.19 -13.75 -15.06
CA GLY A 518 -2.41 -13.93 -13.86
C GLY A 518 -2.95 -15.16 -13.15
N HIS A 519 -2.07 -15.88 -12.47
CA HIS A 519 -2.48 -17.07 -11.74
C HIS A 519 -1.73 -17.14 -10.44
N ILE A 520 -2.44 -17.43 -9.36
CA ILE A 520 -1.81 -17.51 -8.05
C ILE A 520 -1.96 -18.92 -7.48
N GLU A 521 -0.83 -19.55 -7.22
CA GLU A 521 -0.82 -20.90 -6.67
C GLU A 521 -1.03 -20.84 -5.16
N ASP A 522 -1.60 -21.91 -4.60
CA ASP A 522 -1.85 -22.05 -3.17
C ASP A 522 -2.68 -20.87 -2.62
N CYS A 523 -3.59 -20.34 -3.44
CA CYS A 523 -4.41 -19.20 -3.06
C CYS A 523 -5.87 -19.58 -3.04
N GLY A 524 -6.54 -19.32 -1.93
CA GLY A 524 -7.97 -19.59 -1.80
C GLY A 524 -8.84 -18.46 -2.36
N HIS A 525 -10.07 -18.41 -1.88
CA HIS A 525 -11.07 -17.42 -2.28
C HIS A 525 -10.73 -15.98 -1.87
N TRP A 526 -10.17 -15.79 -0.68
CA TRP A 526 -9.88 -14.46 -0.14
C TRP A 526 -8.55 -13.99 -0.60
N THR A 527 -8.40 -13.92 -1.93
CA THR A 527 -7.17 -13.61 -2.65
C THR A 527 -6.29 -12.51 -2.05
N GLN A 528 -6.88 -11.33 -1.75
CA GLN A 528 -6.15 -10.15 -1.26
C GLN A 528 -5.42 -10.35 0.02
N MET A 529 -6.03 -11.05 0.98
N MET A 529 -6.04 -11.05 0.98
CA MET A 529 -5.39 -11.28 2.27
CA MET A 529 -5.42 -11.29 2.28
C MET A 529 -4.67 -12.63 2.36
C MET A 529 -4.65 -12.62 2.35
N ASP A 530 -4.90 -13.54 1.40
CA ASP A 530 -4.25 -14.83 1.37
C ASP A 530 -2.85 -14.67 0.80
N LYS A 531 -2.72 -14.06 -0.39
CA LYS A 531 -1.44 -13.84 -1.06
C LYS A 531 -1.25 -12.37 -1.45
N PRO A 532 -1.14 -11.47 -0.45
CA PRO A 532 -1.06 -10.03 -0.77
C PRO A 532 0.14 -9.58 -1.59
N THR A 533 1.33 -10.13 -1.35
CA THR A 533 2.53 -9.73 -2.10
C THR A 533 2.39 -10.10 -3.58
N GLU A 534 1.81 -11.28 -3.86
CA GLU A 534 1.64 -11.77 -5.23
C GLU A 534 0.59 -10.97 -5.98
N VAL A 535 -0.56 -10.66 -5.33
CA VAL A 535 -1.62 -9.83 -5.93
C VAL A 535 -1.03 -8.46 -6.31
N ASN A 536 -0.32 -7.82 -5.38
CA ASN A 536 0.29 -6.52 -5.60
C ASN A 536 1.20 -6.49 -6.83
N GLN A 537 2.13 -7.44 -6.92
CA GLN A 537 3.08 -7.59 -8.02
C GLN A 537 2.37 -7.80 -9.37
N ILE A 538 1.33 -8.64 -9.40
CA ILE A 538 0.57 -8.85 -10.64
C ILE A 538 -0.18 -7.57 -11.06
N LEU A 539 -0.85 -6.89 -10.10
CA LEU A 539 -1.60 -5.68 -10.44
C LEU A 539 -0.69 -4.55 -10.85
N ILE A 540 0.44 -4.33 -10.14
CA ILE A 540 1.33 -3.22 -10.45
C ILE A 540 1.97 -3.38 -11.83
N LYS A 541 2.40 -4.59 -12.16
CA LYS A 541 3.01 -4.86 -13.45
C LYS A 541 2.01 -4.62 -14.58
N TRP A 542 0.77 -5.08 -14.41
CA TRP A 542 -0.27 -4.91 -15.42
C TRP A 542 -0.69 -3.44 -15.54
N LEU A 543 -0.79 -2.72 -14.41
CA LEU A 543 -1.17 -1.30 -14.45
C LEU A 543 -0.15 -0.49 -15.20
N ASP A 544 1.14 -0.74 -14.96
CA ASP A 544 2.23 0.02 -15.58
C ASP A 544 2.32 -0.19 -17.07
N SER A 545 1.95 -1.38 -17.55
CA SER A 545 2.02 -1.66 -18.98
C SER A 545 0.72 -1.40 -19.75
N ASP A 546 -0.45 -1.73 -19.19
CA ASP A 546 -1.72 -1.58 -19.91
C ASP A 546 -2.64 -0.43 -19.48
N ALA A 547 -2.55 0.05 -18.24
CA ALA A 547 -3.44 1.12 -17.78
C ALA A 547 -2.75 2.47 -17.63
N ARG A 548 -1.70 2.72 -18.40
CA ARG A 548 -0.98 3.99 -18.34
C ARG A 548 -0.59 4.49 -19.73
C1 4VY B . -19.21 -13.67 -7.44
N2 4VY B . -20.04 -14.85 -7.36
C3 4VY B . -19.81 -15.83 -6.31
C4 4VY B . -20.56 -15.33 -5.09
O5 4VY B . -20.26 -16.17 -3.99
C6 4VY B . -21.11 -15.03 -8.27
C7 4VY B . -21.34 -14.07 -9.24
C8 4VY B . -22.39 -14.19 -10.14
C9 4VY B . -23.20 -15.31 -10.06
C10 4VY B . -22.92 -16.25 -9.09
N11 4VY B . -21.90 -16.12 -8.20
BR 4VY B . -24.64 -15.56 -11.25
C1 4VY C . -19.45 -16.14 -0.59
N2 4VY C . -19.11 -16.93 0.59
C3 4VY C . -19.89 -16.79 1.80
C4 4VY C . -20.93 -17.88 1.89
O5 4VY C . -21.37 -17.94 3.24
C6 4VY C . -17.95 -17.76 0.57
C7 4VY C . -17.17 -17.86 -0.58
C8 4VY C . -16.04 -18.67 -0.60
C9 4VY C . -15.71 -19.37 0.54
C10 4VY C . -16.52 -19.26 1.65
N11 4VY C . -17.61 -18.47 1.67
BR 4VY C . -14.19 -20.49 0.60
S DMS D . -20.12 -17.39 -12.29
O DMS D . -21.30 -17.96 -11.56
C1 DMS D . -20.71 -16.15 -13.47
C2 DMS D . -19.22 -16.26 -11.20
C1 PGE E . -20.30 -14.63 -7.63
O1 PGE E . -19.26 -13.71 -7.90
C2 PGE E . -20.69 -14.59 -6.19
O2 PGE E . -19.76 -15.36 -5.42
C3 PGE E . -20.17 -15.50 -4.07
C4 PGE E . -19.04 -15.99 -3.21
O4 PGE E . -17.90 -17.97 -0.39
C6 PGE E . -18.63 -16.75 -0.26
C5 PGE E . -18.00 -15.67 -1.10
O3 PGE E . -18.93 -15.17 -2.05
#